data_3MZE
#
_entry.id   3MZE
#
_cell.length_a   109.42
_cell.length_b   50.34
_cell.length_c   84.23
_cell.angle_alpha   90.00
_cell.angle_beta   120.44
_cell.angle_gamma   90.00
#
_symmetry.space_group_name_H-M   'C 1 2 1'
#
loop_
_entity.id
_entity.type
_entity.pdbx_description
1 polymer 'D-alanyl-D-alanine carboxypeptidase dacA'
2 non-polymer '(2R)-5-[(carbamoyloxy)methyl]-2-{(1S)-1-methoxy-2-oxo-1-[(thiophen-2-ylacetyl)amino]ethyl}-3,6-dihydro-2H-1,3-thiazine-4-carboxylic acid'
3 non-polymer GLYCEROL
4 water water
#
_entity_poly.entity_id   1
_entity_poly.type   'polypeptide(L)'
_entity_poly.pdbx_seq_one_letter_code
;DDLNIKTMIPGVPQIDAESYILIDYNSGKVLAEQNADVRRDPASLTKMMTSYVIGQAMKAGKFKETDLVTIGNDAWATGN
PVFKGSSLMFLKPGMQVPVSQLIRGINLQSGNDACVAMADFAAGSQDAFVGLMNSYVNALGLKNTHFQTVHGLDADGQYS
SARDMALIGQALIRDVPNEYSIYKEKEFTFNGIRQLNRNGLLWDNSLNVDGIKTGHTDKAGYNLVASATEGQMRLISAVM
GGRTFKGREAESKKLLTWGFRFFETVNPLKVGKEFASEPVWFGDSDRASLGVDKDVYLTIPRGRMKDLKASYVLNSSELH
APLQKNQVVGTINFQLDGKTIEQRPLVVLQEIPEGNFGDPVID
;
_entity_poly.pdbx_strand_id   A
#
loop_
_chem_comp.id
_chem_comp.type
_chem_comp.name
_chem_comp.formula
1QL non-polymer '(2R)-5-[(carbamoyloxy)methyl]-2-{(1S)-1-methoxy-2-oxo-1-[(thiophen-2-ylacetyl)amino]ethyl}-3,6-dihydro-2H-1,3-thiazine-4-carboxylic acid' 'C16 H19 N3 O7 S2'
GOL non-polymer GLYCEROL 'C3 H8 O3'
#
# COMPACT_ATOMS: atom_id res chain seq x y z
N ASN A 4 2.97 -2.01 -34.85
CA ASN A 4 2.45 -0.72 -34.29
C ASN A 4 1.40 -0.98 -33.24
N ILE A 5 0.53 -1.95 -33.52
CA ILE A 5 -0.47 -2.40 -32.56
C ILE A 5 0.19 -3.19 -31.40
N LYS A 6 1.14 -4.07 -31.72
CA LYS A 6 1.89 -4.82 -30.68
C LYS A 6 2.63 -3.86 -29.73
N THR A 7 3.33 -2.89 -30.30
CA THR A 7 4.23 -2.01 -29.55
C THR A 7 3.61 -0.70 -29.04
N MET A 8 2.33 -0.47 -29.34
CA MET A 8 1.67 0.79 -28.97
C MET A 8 1.77 1.10 -27.47
N ILE A 9 1.85 2.39 -27.15
CA ILE A 9 1.78 2.84 -25.77
C ILE A 9 0.43 3.57 -25.59
N PRO A 10 -0.46 3.05 -24.70
CA PRO A 10 -1.79 3.63 -24.57
C PRO A 10 -1.77 5.04 -24.02
N GLY A 11 -2.71 5.86 -24.47
CA GLY A 11 -2.90 7.20 -23.93
C GLY A 11 -3.58 7.09 -22.59
N VAL A 12 -3.26 8.01 -21.68
CA VAL A 12 -3.87 8.04 -20.34
C VAL A 12 -5.12 8.94 -20.38
N PRO A 13 -6.22 8.52 -19.73
CA PRO A 13 -7.35 9.45 -19.64
C PRO A 13 -7.01 10.73 -18.86
N GLN A 14 -7.77 11.78 -19.12
CA GLN A 14 -7.64 13.02 -18.37
C GLN A 14 -8.31 12.80 -17.01
N ILE A 15 -7.62 13.22 -15.95
CA ILE A 15 -8.12 12.98 -14.61
C ILE A 15 -8.34 14.33 -13.97
N ASP A 16 -9.58 14.55 -13.54
CA ASP A 16 -10.00 15.80 -12.89
C ASP A 16 -9.53 15.83 -11.42
N ALA A 17 -8.24 16.12 -11.23
CA ALA A 17 -7.62 16.06 -9.89
C ALA A 17 -6.27 16.72 -9.94
N GLU A 18 -5.83 17.26 -8.81
CA GLU A 18 -4.50 17.89 -8.72
C GLU A 18 -3.30 16.93 -8.92
N SER A 19 -3.41 15.73 -8.35
CA SER A 19 -2.41 14.69 -8.51
C SER A 19 -2.99 13.28 -8.52
N TYR A 20 -2.24 12.34 -9.08
CA TYR A 20 -2.62 10.95 -9.03
C TYR A 20 -1.41 10.07 -9.35
N ILE A 21 -1.60 8.79 -9.06
CA ILE A 21 -0.69 7.78 -9.47
C ILE A 21 -1.51 6.51 -9.63
N LEU A 22 -1.03 5.61 -10.47
CA LEU A 22 -1.61 4.28 -10.56
C LEU A 22 -0.44 3.33 -10.57
N ILE A 23 -0.45 2.35 -9.68
CA ILE A 23 0.66 1.40 -9.62
C ILE A 23 0.18 -0.04 -9.55
N ASP A 24 1.02 -0.94 -10.03
CA ASP A 24 0.81 -2.34 -9.76
C ASP A 24 1.29 -2.64 -8.34
N TYR A 25 0.48 -3.38 -7.58
CA TYR A 25 0.79 -3.72 -6.18
C TYR A 25 1.96 -4.71 -6.11
N ASN A 26 1.94 -5.69 -7.00
CA ASN A 26 2.93 -6.76 -6.94
C ASN A 26 4.29 -6.35 -7.46
N SER A 27 4.29 -5.68 -8.61
CA SER A 27 5.51 -5.25 -9.30
C SER A 27 6.03 -3.89 -8.84
N GLY A 28 5.13 -2.99 -8.45
CA GLY A 28 5.53 -1.64 -8.06
C GLY A 28 5.55 -0.63 -9.21
N LYS A 29 5.35 -1.12 -10.42
CA LYS A 29 5.35 -0.30 -11.63
C LYS A 29 4.29 0.80 -11.57
N VAL A 30 4.71 2.02 -11.86
CA VAL A 30 3.81 3.15 -12.03
C VAL A 30 3.26 3.09 -13.45
N LEU A 31 1.96 2.75 -13.58
CA LEU A 31 1.33 2.66 -14.92
C LEU A 31 0.98 4.02 -15.47
N ALA A 32 0.65 4.95 -14.57
CA ALA A 32 0.32 6.35 -14.89
C ALA A 32 0.50 7.23 -13.64
N GLU A 33 0.92 8.49 -13.85
CA GLU A 33 1.12 9.48 -12.76
C GLU A 33 0.99 10.94 -13.23
N GLN A 34 0.44 11.80 -12.37
CA GLN A 34 0.45 13.24 -12.59
C GLN A 34 0.67 13.95 -11.25
N ASN A 35 1.73 14.75 -11.16
CA ASN A 35 2.07 15.52 -9.96
C ASN A 35 2.15 14.62 -8.72
N ALA A 36 2.84 13.49 -8.84
CA ALA A 36 2.71 12.36 -7.90
C ALA A 36 3.51 12.51 -6.60
N ASP A 37 4.49 13.40 -6.62
CA ASP A 37 5.37 13.70 -5.50
C ASP A 37 5.08 15.07 -4.90
N VAL A 38 4.16 15.81 -5.49
CA VAL A 38 3.75 17.11 -4.96
C VAL A 38 3.17 16.91 -3.54
N ARG A 39 3.57 17.77 -2.60
CA ARG A 39 3.05 17.71 -1.22
C ARG A 39 1.67 18.33 -1.12
N ARG A 40 0.74 17.51 -0.62
CA ARG A 40 -0.63 17.94 -0.43
C ARG A 40 -1.12 17.55 0.98
N ASP A 41 -2.19 18.21 1.43
CA ASP A 41 -2.91 17.83 2.65
C ASP A 41 -3.62 16.50 2.39
N PRO A 42 -3.27 15.45 3.18
CA PRO A 42 -3.83 14.11 2.98
C PRO A 42 -5.23 13.93 3.58
N ALA A 43 -5.68 14.91 4.36
CA ALA A 43 -6.91 14.79 5.11
C ALA A 43 -6.98 13.42 5.82
N SER A 44 -8.12 12.74 5.67
CA SER A 44 -8.35 11.41 6.27
C SER A 44 -7.48 10.26 5.80
N LEU A 45 -6.80 10.40 4.67
CA LEU A 45 -5.89 9.35 4.20
C LEU A 45 -4.77 9.11 5.22
N THR A 46 -4.59 10.07 6.13
CA THR A 46 -3.76 9.92 7.34
C THR A 46 -4.13 8.66 8.15
N LYS A 47 -5.42 8.32 8.17
CA LYS A 47 -5.89 7.16 8.95
C LYS A 47 -5.41 5.84 8.38
N MET A 48 -4.88 5.87 7.17
CA MET A 48 -4.25 4.68 6.59
C MET A 48 -2.96 4.34 7.32
N MET A 49 -2.24 5.36 7.77
CA MET A 49 -1.05 5.13 8.61
C MET A 49 -1.43 4.78 10.05
N THR A 50 -2.47 5.42 10.59
CA THR A 50 -3.00 5.06 11.90
C THR A 50 -3.35 3.56 11.94
N SER A 51 -4.10 3.13 10.95
CA SER A 51 -4.48 1.73 10.73
C SER A 51 -3.27 0.79 10.50
N TYR A 52 -2.25 1.28 9.79
CA TYR A 52 -1.01 0.54 9.61
C TYR A 52 -0.29 0.28 10.96
N VAL A 53 -0.08 1.33 11.76
CA VAL A 53 0.53 1.19 13.09
C VAL A 53 -0.29 0.17 13.93
N ILE A 54 -1.61 0.37 14.00
CA ILE A 54 -2.48 -0.57 14.73
C ILE A 54 -2.37 -2.01 14.21
N GLY A 55 -2.31 -2.17 12.89
CA GLY A 55 -2.12 -3.47 12.27
C GLY A 55 -0.78 -4.09 12.61
N GLN A 56 0.28 -3.29 12.69
CA GLN A 56 1.59 -3.80 13.08
C GLN A 56 1.61 -4.26 14.54
N ALA A 57 0.91 -3.52 15.41
CA ALA A 57 0.87 -3.81 16.84
C ALA A 57 0.18 -5.15 17.08
N MET A 58 -0.94 -5.36 16.38
CA MET A 58 -1.71 -6.61 16.44
C MET A 58 -0.95 -7.80 15.86
N LYS A 59 -0.11 -7.54 14.87
CA LYS A 59 0.73 -8.54 14.25
C LYS A 59 1.81 -9.04 15.22
N ALA A 60 2.39 -8.10 15.98
CA ALA A 60 3.33 -8.45 17.04
C ALA A 60 2.64 -9.03 18.28
N GLY A 61 1.30 -9.07 18.26
CA GLY A 61 0.51 -9.66 19.35
C GLY A 61 0.32 -8.83 20.62
N LYS A 62 0.50 -7.51 20.50
CA LYS A 62 0.42 -6.61 21.65
C LYS A 62 -1.02 -6.43 22.18
N PHE A 63 -1.99 -6.68 21.30
CA PHE A 63 -3.40 -6.73 21.66
C PHE A 63 -4.18 -7.40 20.55
N LYS A 64 -5.45 -7.68 20.81
CA LYS A 64 -6.33 -8.31 19.84
C LYS A 64 -7.70 -7.63 19.72
N GLU A 65 -8.46 -8.04 18.72
CA GLU A 65 -9.75 -7.43 18.35
C GLU A 65 -10.80 -7.49 19.44
N THR A 66 -10.81 -8.59 20.17
CA THR A 66 -11.71 -8.77 21.30
C THR A 66 -11.35 -7.94 22.54
N ASP A 67 -10.10 -7.51 22.66
CA ASP A 67 -9.66 -6.71 23.82
C ASP A 67 -10.48 -5.45 23.99
N LEU A 68 -10.75 -5.08 25.23
CA LEU A 68 -11.58 -3.91 25.51
C LEU A 68 -10.75 -2.69 25.80
N VAL A 69 -11.11 -1.60 25.14
CA VAL A 69 -10.48 -0.30 25.36
C VAL A 69 -11.42 0.59 26.17
N THR A 70 -10.98 0.99 27.35
CA THR A 70 -11.73 1.93 28.16
C THR A 70 -11.48 3.30 27.56
N ILE A 71 -12.56 3.99 27.17
CA ILE A 71 -12.42 5.34 26.60
C ILE A 71 -12.09 6.36 27.71
N GLY A 72 -11.19 7.29 27.39
CA GLY A 72 -10.84 8.39 28.28
C GLY A 72 -11.24 9.75 27.70
N ASN A 73 -10.77 10.81 28.34
CA ASN A 73 -11.24 12.16 28.09
C ASN A 73 -10.81 12.79 26.76
N ASP A 74 -9.64 12.38 26.26
CA ASP A 74 -9.12 12.88 24.99
C ASP A 74 -9.91 12.30 23.79
N ALA A 75 -10.56 11.16 24.00
CA ALA A 75 -11.33 10.46 22.99
C ALA A 75 -12.84 10.73 23.13
N TRP A 76 -13.20 11.56 24.10
CA TRP A 76 -14.58 12.04 24.28
C TRP A 76 -14.97 12.98 23.13
N ALA A 77 -15.91 12.53 22.30
CA ALA A 77 -16.22 13.19 21.04
C ALA A 77 -16.72 14.61 21.25
N THR A 78 -17.68 14.79 22.16
CA THR A 78 -18.25 16.11 22.44
C THR A 78 -17.55 16.84 23.61
N GLY A 79 -16.40 16.29 24.00
CA GLY A 79 -15.59 16.92 25.02
C GLY A 79 -14.44 17.65 24.40
N ASN A 80 -14.32 17.55 23.07
CA ASN A 80 -13.22 18.18 22.31
C ASN A 80 -13.73 18.81 21.00
N PRO A 81 -14.08 20.12 21.03
CA PRO A 81 -14.52 20.86 19.82
C PRO A 81 -13.60 20.77 18.59
N VAL A 82 -12.37 20.30 18.75
CA VAL A 82 -11.49 19.96 17.61
C VAL A 82 -12.25 19.02 16.63
N PHE A 83 -13.06 18.12 17.20
CA PHE A 83 -13.83 17.13 16.43
C PHE A 83 -15.09 17.64 15.70
N LYS A 84 -15.26 18.96 15.60
CA LYS A 84 -16.55 19.54 15.17
C LYS A 84 -16.75 19.50 13.65
N GLY A 85 -17.91 18.99 13.24
CA GLY A 85 -18.23 18.79 11.82
C GLY A 85 -17.64 17.52 11.24
N SER A 86 -16.64 16.95 11.95
CA SER A 86 -15.95 15.70 11.56
C SER A 86 -16.79 14.45 11.87
N SER A 87 -16.32 13.31 11.37
CA SER A 87 -16.94 12.02 11.63
C SER A 87 -16.47 11.47 12.95
N LEU A 88 -17.44 11.06 13.77
CA LEU A 88 -17.20 10.62 15.15
C LEU A 88 -18.06 9.41 15.52
N MET A 89 -17.50 8.49 16.30
CA MET A 89 -18.27 7.38 16.90
C MET A 89 -19.13 7.82 18.10
N PHE A 90 -18.90 9.03 18.60
CA PHE A 90 -19.50 9.54 19.84
C PHE A 90 -19.13 8.70 21.06
N LEU A 91 -17.83 8.51 21.20
CA LEU A 91 -17.26 7.85 22.35
C LEU A 91 -17.40 8.75 23.55
N LYS A 92 -17.72 8.17 24.70
CA LYS A 92 -17.85 8.89 25.96
C LYS A 92 -16.88 8.24 26.94
N PRO A 93 -16.26 9.04 27.84
CA PRO A 93 -15.32 8.48 28.82
C PRO A 93 -15.99 7.41 29.68
N GLY A 94 -15.26 6.34 29.97
CA GLY A 94 -15.79 5.24 30.76
C GLY A 94 -16.19 4.03 29.91
N MET A 95 -16.65 4.29 28.68
CA MET A 95 -17.07 3.24 27.74
C MET A 95 -15.98 2.20 27.63
N GLN A 96 -16.37 0.95 27.38
CA GLN A 96 -15.39 -0.11 27.15
C GLN A 96 -15.71 -0.77 25.82
N VAL A 97 -14.87 -0.47 24.82
CA VAL A 97 -15.20 -0.83 23.44
C VAL A 97 -14.16 -1.81 22.93
N PRO A 98 -14.62 -2.93 22.31
CA PRO A 98 -13.71 -3.90 21.71
C PRO A 98 -12.89 -3.21 20.64
N VAL A 99 -11.66 -3.66 20.47
CA VAL A 99 -10.77 -3.12 19.44
C VAL A 99 -11.43 -3.22 18.05
N SER A 100 -12.04 -4.37 17.77
CA SER A 100 -12.79 -4.63 16.55
C SER A 100 -13.73 -3.49 16.13
N GLN A 101 -14.39 -2.88 17.09
CA GLN A 101 -15.34 -1.81 16.80
C GLN A 101 -14.63 -0.48 16.63
N LEU A 102 -13.50 -0.31 17.31
CA LEU A 102 -12.72 0.93 17.17
C LEU A 102 -11.95 1.00 15.85
N ILE A 103 -11.35 -0.10 15.44
CA ILE A 103 -10.69 -0.14 14.14
C ILE A 103 -11.68 -0.03 12.95
N ARG A 104 -12.94 -0.40 13.18
CA ARG A 104 -13.97 -0.32 12.17
C ARG A 104 -14.53 1.10 12.08
N GLY A 105 -14.75 1.73 13.24
CA GLY A 105 -14.86 3.20 13.31
C GLY A 105 -13.76 3.94 12.55
N ILE A 106 -12.51 3.52 12.70
CA ILE A 106 -11.40 4.14 11.94
C ILE A 106 -11.56 3.86 10.42
N ASN A 107 -11.64 2.59 10.07
CA ASN A 107 -11.47 2.17 8.68
C ASN A 107 -12.69 2.41 7.82
N LEU A 108 -13.87 2.10 8.34
CA LEU A 108 -15.11 2.21 7.56
C LEU A 108 -15.65 3.65 7.62
N GLN A 109 -15.59 4.23 8.81
CA GLN A 109 -16.29 5.49 9.12
C GLN A 109 -15.40 6.74 9.16
N SER A 110 -14.09 6.56 9.27
CA SER A 110 -13.18 7.68 9.53
C SER A 110 -13.53 8.38 10.84
N GLY A 111 -13.85 7.62 11.87
CA GLY A 111 -14.24 8.16 13.19
C GLY A 111 -13.00 8.73 13.83
N ASN A 112 -13.04 10.00 14.23
CA ASN A 112 -11.80 10.69 14.65
C ASN A 112 -11.54 10.50 16.10
N ASP A 113 -12.63 10.32 16.83
CA ASP A 113 -12.55 10.03 18.26
C ASP A 113 -11.98 8.62 18.45
N ALA A 114 -12.28 7.70 17.53
CA ALA A 114 -11.78 6.30 17.52
C ALA A 114 -10.24 6.19 17.39
N CYS A 115 -9.68 7.12 16.63
CA CYS A 115 -8.27 7.23 16.36
C CYS A 115 -7.51 7.60 17.63
N VAL A 116 -8.06 8.56 18.37
CA VAL A 116 -7.51 8.98 19.66
C VAL A 116 -7.52 7.83 20.68
N ALA A 117 -8.66 7.14 20.80
CA ALA A 117 -8.78 6.00 21.71
C ALA A 117 -7.80 4.87 21.40
N MET A 118 -7.67 4.52 20.12
CA MET A 118 -6.73 3.48 19.73
C MET A 118 -5.26 3.90 19.87
N ALA A 119 -4.97 5.18 19.62
CA ALA A 119 -3.63 5.75 19.79
C ALA A 119 -3.05 5.68 21.21
N ASP A 120 -3.83 6.15 22.21
CA ASP A 120 -3.50 6.05 23.63
C ASP A 120 -3.36 4.57 24.05
N PHE A 121 -4.35 3.76 23.70
CA PHE A 121 -4.31 2.33 23.95
C PHE A 121 -3.04 1.65 23.41
N ALA A 122 -2.71 1.95 22.15
CA ALA A 122 -1.60 1.30 21.45
C ALA A 122 -0.24 1.83 21.84
N ALA A 123 -0.13 3.15 22.01
CA ALA A 123 1.17 3.76 22.21
C ALA A 123 1.31 4.66 23.47
N GLY A 124 0.20 4.90 24.16
CA GLY A 124 0.25 5.60 25.45
C GLY A 124 -0.19 7.04 25.38
N SER A 125 0.26 7.73 24.34
CA SER A 125 -0.20 9.08 24.01
C SER A 125 -0.25 9.18 22.50
N GLN A 126 -0.86 10.27 22.02
CA GLN A 126 -0.97 10.60 20.63
C GLN A 126 0.36 11.01 20.05
N ASP A 127 1.16 11.75 20.83
CA ASP A 127 2.50 12.13 20.41
C ASP A 127 3.38 10.91 20.13
N ALA A 128 3.30 9.92 21.01
CA ALA A 128 4.07 8.70 20.87
C ALA A 128 3.62 7.89 19.64
N PHE A 129 2.33 7.71 19.47
CA PHE A 129 1.72 7.07 18.29
C PHE A 129 2.13 7.78 17.01
N VAL A 130 2.01 9.11 16.99
CA VAL A 130 2.51 9.90 15.87
C VAL A 130 3.99 9.69 15.60
N GLY A 131 4.81 9.51 16.63
CA GLY A 131 6.20 9.11 16.45
C GLY A 131 6.33 7.83 15.66
N LEU A 132 5.51 6.84 16.01
CA LEU A 132 5.44 5.57 15.29
C LEU A 132 4.97 5.70 13.87
N MET A 133 3.94 6.52 13.62
CA MET A 133 3.51 6.82 12.25
C MET A 133 4.68 7.27 11.40
N ASN A 134 5.35 8.34 11.82
CA ASN A 134 6.57 8.86 11.17
C ASN A 134 7.77 7.93 11.15
N SER A 135 7.85 7.01 12.11
CA SER A 135 8.89 5.97 12.09
C SER A 135 8.68 5.04 10.91
N TYR A 136 7.40 4.71 10.64
CA TYR A 136 7.04 3.92 9.47
C TYR A 136 7.11 4.70 8.16
N VAL A 137 6.96 6.02 8.22
CA VAL A 137 7.23 6.88 7.08
C VAL A 137 8.69 6.72 6.64
N ASN A 138 9.61 6.69 7.59
CA ASN A 138 11.04 6.47 7.33
C ASN A 138 11.40 5.07 6.87
N ALA A 139 10.96 4.07 7.64
CA ALA A 139 11.13 2.65 7.26
C ALA A 139 10.59 2.31 5.86
N LEU A 140 9.42 2.83 5.50
CA LEU A 140 8.90 2.65 4.13
C LEU A 140 9.65 3.48 3.08
N GLY A 141 10.53 4.38 3.51
CA GLY A 141 11.32 5.23 2.58
C GLY A 141 10.55 6.34 1.85
N LEU A 142 9.48 6.83 2.48
CA LEU A 142 8.63 7.87 1.86
C LEU A 142 9.29 9.24 1.95
N LYS A 143 9.40 9.89 0.80
CA LYS A 143 10.20 11.09 0.61
C LYS A 143 9.41 12.38 0.82
N ASN A 144 8.07 12.28 0.77
CA ASN A 144 7.18 13.44 0.77
C ASN A 144 5.97 13.38 1.73
N THR A 145 6.15 12.69 2.86
CA THR A 145 5.09 12.49 3.86
C THR A 145 5.58 12.82 5.29
N HIS A 146 4.76 13.56 6.03
CA HIS A 146 4.99 13.80 7.45
C HIS A 146 3.65 13.90 8.16
N PHE A 147 3.54 13.22 9.30
CA PHE A 147 2.34 13.25 10.12
C PHE A 147 2.53 14.02 11.40
N GLN A 148 1.46 14.66 11.88
CA GLN A 148 1.46 15.41 13.12
C GLN A 148 0.34 14.99 14.05
N THR A 149 -0.74 14.47 13.46
N THR A 149 -0.79 14.53 13.49
CA THR A 149 -1.92 13.99 14.19
CA THR A 149 -1.91 14.03 14.29
C THR A 149 -2.24 12.52 13.91
C THR A 149 -2.40 12.64 13.85
N VAL A 150 -3.06 11.93 14.77
CA VAL A 150 -3.49 10.53 14.57
C VAL A 150 -4.70 10.37 13.64
N HIS A 151 -5.43 11.47 13.39
CA HIS A 151 -6.64 11.50 12.53
C HIS A 151 -6.52 12.31 11.21
N GLY A 152 -5.69 13.36 11.20
CA GLY A 152 -5.66 14.31 10.08
C GLY A 152 -6.18 15.72 10.40
N LEU A 153 -6.94 15.85 11.48
CA LEU A 153 -7.37 17.14 12.02
C LEU A 153 -6.25 17.85 12.77
N ASP A 154 -6.28 19.18 12.76
CA ASP A 154 -5.40 20.02 13.58
C ASP A 154 -3.91 19.70 13.32
N ALA A 155 -3.52 19.82 12.04
CA ALA A 155 -2.14 19.58 11.62
C ALA A 155 -1.69 20.43 10.42
N ASP A 156 -1.18 21.62 10.70
CA ASP A 156 -0.70 22.55 9.67
C ASP A 156 0.55 22.06 8.95
N GLY A 157 1.34 21.23 9.63
CA GLY A 157 2.59 20.75 9.04
C GLY A 157 2.55 19.32 8.57
N GLN A 158 1.36 18.75 8.43
CA GLN A 158 1.21 17.39 7.97
C GLN A 158 1.17 17.42 6.45
N TYR A 159 1.72 16.41 5.80
CA TYR A 159 1.62 16.34 4.35
C TYR A 159 1.78 14.92 3.83
N SER A 160 1.27 14.69 2.62
CA SER A 160 1.61 13.51 1.88
C SER A 160 1.46 13.73 0.38
N SER A 161 1.64 12.67 -0.39
CA SER A 161 1.64 12.75 -1.84
C SER A 161 0.91 11.55 -2.43
N ALA A 162 0.44 11.71 -3.66
CA ALA A 162 -0.23 10.63 -4.37
C ALA A 162 0.66 9.39 -4.37
N ARG A 163 1.96 9.56 -4.68
CA ARG A 163 2.84 8.41 -4.68
C ARG A 163 2.92 7.79 -3.28
N ASP A 164 3.16 8.64 -2.28
CA ASP A 164 3.41 8.19 -0.91
C ASP A 164 2.21 7.48 -0.30
N MET A 165 1.02 8.00 -0.58
CA MET A 165 -0.23 7.40 -0.13
C MET A 165 -0.52 6.03 -0.78
N ALA A 166 -0.10 5.87 -2.04
CA ALA A 166 -0.22 4.60 -2.74
C ALA A 166 0.76 3.55 -2.20
N LEU A 167 1.95 3.99 -1.85
CA LEU A 167 2.93 3.17 -1.18
C LEU A 167 2.43 2.70 0.19
N ILE A 168 1.78 3.59 0.94
CA ILE A 168 1.16 3.25 2.23
C ILE A 168 0.04 2.21 2.06
N GLY A 169 -0.76 2.38 1.01
CA GLY A 169 -1.73 1.36 0.59
C GLY A 169 -1.11 0.02 0.37
N GLN A 170 -0.03 -0.02 -0.41
CA GLN A 170 0.76 -1.24 -0.64
C GLN A 170 1.23 -1.88 0.66
N ALA A 171 1.87 -1.08 1.51
CA ALA A 171 2.30 -1.54 2.81
C ALA A 171 1.16 -2.18 3.62
N LEU A 172 0.00 -1.53 3.68
CA LEU A 172 -1.17 -2.11 4.34
C LEU A 172 -1.55 -3.52 3.87
N ILE A 173 -1.73 -3.64 2.55
CA ILE A 173 -2.04 -4.89 1.88
C ILE A 173 -0.96 -5.95 2.10
N ARG A 174 0.29 -5.54 2.00
CA ARG A 174 1.41 -6.45 2.04
C ARG A 174 1.81 -6.84 3.47
N ASP A 175 1.89 -5.85 4.35
CA ASP A 175 2.54 -6.01 5.64
C ASP A 175 1.56 -6.47 6.71
N VAL A 176 0.32 -6.00 6.57
CA VAL A 176 -0.72 -6.18 7.59
C VAL A 176 -2.09 -6.61 6.98
N PRO A 177 -2.12 -7.77 6.29
CA PRO A 177 -3.29 -8.28 5.54
C PRO A 177 -4.54 -8.57 6.39
N ASN A 178 -4.38 -8.99 7.65
CA ASN A 178 -5.54 -9.13 8.53
C ASN A 178 -6.22 -7.77 8.74
N GLU A 179 -5.41 -6.73 8.92
CA GLU A 179 -5.92 -5.37 9.03
C GLU A 179 -6.53 -4.87 7.70
N TYR A 180 -5.86 -5.12 6.57
CA TYR A 180 -6.38 -4.72 5.25
C TYR A 180 -7.79 -5.23 4.86
N SER A 181 -8.13 -6.46 5.24
CA SER A 181 -9.43 -7.05 4.84
C SER A 181 -10.67 -6.45 5.50
N ILE A 182 -10.47 -5.60 6.52
CA ILE A 182 -11.55 -4.88 7.17
C ILE A 182 -12.12 -3.79 6.22
N TYR A 183 -11.29 -3.30 5.30
CA TYR A 183 -11.60 -2.16 4.41
C TYR A 183 -12.69 -2.43 3.34
N LYS A 184 -12.94 -3.71 3.06
CA LYS A 184 -13.98 -4.13 2.12
C LYS A 184 -15.36 -4.27 2.76
N GLU A 185 -15.43 -4.22 4.09
CA GLU A 185 -16.69 -4.32 4.79
C GLU A 185 -17.52 -3.05 4.57
N LYS A 186 -18.76 -3.23 4.12
CA LYS A 186 -19.58 -2.12 3.68
C LYS A 186 -20.30 -1.44 4.82
N GLU A 187 -20.44 -2.13 5.95
CA GLU A 187 -21.14 -1.59 7.12
C GLU A 187 -20.66 -2.17 8.46
N PHE A 188 -20.74 -1.35 9.51
CA PHE A 188 -20.64 -1.91 10.87
C PHE A 188 -21.66 -1.21 11.79
N THR A 189 -22.05 -1.91 12.87
CA THR A 189 -22.99 -1.36 13.85
C THR A 189 -22.27 -0.96 15.14
N PHE A 190 -22.43 0.29 15.54
CA PHE A 190 -21.96 0.72 16.85
C PHE A 190 -22.97 1.55 17.63
N ASN A 191 -23.35 1.02 18.80
CA ASN A 191 -24.26 1.69 19.74
C ASN A 191 -25.65 1.90 19.12
N GLY A 192 -26.23 0.79 18.63
CA GLY A 192 -27.52 0.82 17.93
C GLY A 192 -27.48 1.38 16.51
N ILE A 193 -26.43 2.14 16.17
CA ILE A 193 -26.38 2.85 14.89
C ILE A 193 -25.54 2.17 13.79
N ARG A 194 -26.22 1.77 12.71
CA ARG A 194 -25.55 1.20 11.54
C ARG A 194 -24.81 2.31 10.78
N GLN A 195 -23.54 2.06 10.52
CA GLN A 195 -22.64 2.99 9.85
C GLN A 195 -22.07 2.30 8.62
N LEU A 196 -22.13 2.99 7.47
CA LEU A 196 -21.66 2.43 6.19
C LEU A 196 -20.21 2.85 5.86
N ASN A 197 -19.51 1.99 5.14
CA ASN A 197 -18.21 2.33 4.58
C ASN A 197 -18.29 3.50 3.60
N ARG A 198 -17.45 4.49 3.84
CA ARG A 198 -17.42 5.74 3.07
C ARG A 198 -16.95 5.57 1.61
N ASN A 199 -16.27 4.47 1.35
CA ASN A 199 -15.74 4.17 0.02
C ASN A 199 -16.86 3.62 -0.88
N GLY A 200 -17.53 4.50 -1.58
CA GLY A 200 -18.59 4.11 -2.51
C GLY A 200 -18.26 3.05 -3.54
N LEU A 201 -17.01 3.00 -4.00
CA LEU A 201 -16.60 2.08 -5.07
C LEU A 201 -16.77 0.61 -4.71
N LEU A 202 -16.96 0.34 -3.43
CA LEU A 202 -17.24 -1.02 -2.94
C LEU A 202 -18.56 -1.53 -3.51
N TRP A 203 -19.50 -0.59 -3.72
CA TRP A 203 -20.80 -0.87 -4.31
C TRP A 203 -20.78 -0.91 -5.85
N ASP A 204 -19.66 -0.54 -6.45
CA ASP A 204 -19.54 -0.53 -7.91
C ASP A 204 -19.38 -1.93 -8.44
N ASN A 205 -20.37 -2.39 -9.18
CA ASN A 205 -20.44 -3.80 -9.55
C ASN A 205 -19.54 -4.19 -10.72
N SER A 206 -19.05 -3.19 -11.45
CA SER A 206 -18.20 -3.40 -12.62
C SER A 206 -16.74 -3.70 -12.27
N LEU A 207 -16.37 -3.45 -11.01
CA LEU A 207 -15.01 -3.60 -10.51
C LEU A 207 -14.99 -4.46 -9.25
N ASN A 208 -13.81 -4.98 -8.92
CA ASN A 208 -13.56 -5.62 -7.63
C ASN A 208 -12.74 -4.74 -6.69
N VAL A 209 -13.32 -3.62 -6.25
CA VAL A 209 -12.65 -2.76 -5.28
C VAL A 209 -12.81 -3.36 -3.88
N ASP A 210 -11.70 -3.43 -3.14
CA ASP A 210 -11.70 -3.90 -1.74
C ASP A 210 -10.97 -2.97 -0.76
N GLY A 211 -10.76 -1.72 -1.16
CA GLY A 211 -10.17 -0.67 -0.31
C GLY A 211 -9.97 0.59 -1.16
N ILE A 212 -9.36 1.63 -0.61
CA ILE A 212 -8.84 1.61 0.76
C ILE A 212 -9.48 2.70 1.62
N LYS A 213 -9.20 3.95 1.28
CA LYS A 213 -9.54 5.06 2.15
C LYS A 213 -9.92 6.31 1.38
N THR A 214 -10.76 7.11 2.01
CA THR A 214 -11.38 8.26 1.43
C THR A 214 -10.97 9.46 2.29
N GLY A 215 -11.11 10.68 1.76
CA GLY A 215 -10.65 11.88 2.47
C GLY A 215 -10.96 13.18 1.74
N HIS A 216 -11.10 14.25 2.53
CA HIS A 216 -11.56 15.54 2.01
C HIS A 216 -11.36 16.70 3.01
N THR A 217 -10.86 17.83 2.51
CA THR A 217 -11.03 19.14 3.17
C THR A 217 -11.16 20.23 2.09
N ASP A 218 -11.65 21.41 2.48
CA ASP A 218 -11.70 22.56 1.57
C ASP A 218 -10.29 23.03 1.25
N LYS A 219 -9.33 22.51 2.03
CA LYS A 219 -7.90 22.59 1.72
C LYS A 219 -7.52 21.50 0.72
N ALA A 220 -7.66 20.25 1.17
CA ALA A 220 -7.23 19.04 0.45
C ALA A 220 -7.98 18.75 -0.86
N GLY A 221 -9.19 19.28 -1.00
CA GLY A 221 -10.09 18.84 -2.06
C GLY A 221 -10.53 17.45 -1.67
N TYR A 222 -10.81 16.60 -2.66
CA TYR A 222 -11.34 15.25 -2.41
C TYR A 222 -10.27 14.20 -2.75
N ASN A 223 -9.88 13.41 -1.75
CA ASN A 223 -8.84 12.38 -1.88
C ASN A 223 -9.41 10.95 -1.79
N LEU A 224 -8.84 10.04 -2.58
CA LEU A 224 -9.20 8.62 -2.48
C LEU A 224 -7.98 7.78 -2.82
N VAL A 225 -7.74 6.76 -2.01
CA VAL A 225 -6.79 5.70 -2.34
C VAL A 225 -7.65 4.44 -2.53
N ALA A 226 -7.54 3.82 -3.69
CA ALA A 226 -8.38 2.67 -4.01
C ALA A 226 -7.51 1.52 -4.45
N SER A 227 -7.99 0.31 -4.25
CA SER A 227 -7.31 -0.85 -4.72
C SER A 227 -8.36 -1.82 -5.19
N ALA A 228 -8.05 -2.52 -6.27
CA ALA A 228 -8.99 -3.44 -6.93
C ALA A 228 -8.23 -4.63 -7.49
N THR A 229 -8.94 -5.74 -7.73
CA THR A 229 -8.34 -6.92 -8.35
C THR A 229 -9.04 -7.36 -9.63
N GLU A 230 -8.26 -7.99 -10.51
CA GLU A 230 -8.78 -8.71 -11.66
C GLU A 230 -7.85 -9.91 -11.84
N GLY A 231 -8.29 -11.07 -11.34
CA GLY A 231 -7.36 -12.13 -10.99
C GLY A 231 -7.11 -12.07 -9.48
N GLN A 232 -5.86 -12.10 -9.02
CA GLN A 232 -4.62 -12.08 -9.85
C GLN A 232 -3.92 -10.72 -9.73
N MET A 233 -4.09 -9.88 -10.76
CA MET A 233 -3.57 -8.53 -10.82
C MET A 233 -4.25 -7.67 -9.76
N ARG A 234 -3.44 -6.88 -9.03
CA ARG A 234 -3.93 -5.88 -8.11
C ARG A 234 -3.34 -4.51 -8.45
N LEU A 235 -4.21 -3.51 -8.51
CA LEU A 235 -3.77 -2.17 -8.80
C LEU A 235 -4.18 -1.33 -7.63
N ILE A 236 -3.38 -0.30 -7.38
CA ILE A 236 -3.66 0.71 -6.39
C ILE A 236 -3.65 2.08 -7.09
N SER A 237 -4.70 2.86 -6.84
CA SER A 237 -4.72 4.24 -7.28
C SER A 237 -4.79 5.16 -6.07
N ALA A 238 -4.14 6.32 -6.21
CA ALA A 238 -4.28 7.44 -5.29
C ALA A 238 -4.61 8.65 -6.16
N VAL A 239 -5.75 9.27 -5.88
CA VAL A 239 -6.15 10.53 -6.49
C VAL A 239 -6.28 11.52 -5.33
N MET A 240 -5.64 12.68 -5.49
CA MET A 240 -5.63 13.70 -4.45
C MET A 240 -6.06 15.05 -5.03
N GLY A 241 -6.91 15.76 -4.29
CA GLY A 241 -7.44 17.03 -4.75
C GLY A 241 -8.37 16.85 -5.92
N GLY A 242 -9.24 15.84 -5.84
CA GLY A 242 -10.38 15.72 -6.73
C GLY A 242 -11.40 16.78 -6.37
N ARG A 243 -12.37 16.99 -7.24
CA ARG A 243 -13.29 18.15 -7.13
C ARG A 243 -14.58 17.95 -6.32
N THR A 244 -15.16 16.74 -6.34
CA THR A 244 -16.31 16.38 -5.48
C THR A 244 -16.17 14.96 -4.85
N PHE A 245 -17.19 14.57 -4.09
CA PHE A 245 -17.29 13.20 -3.53
C PHE A 245 -17.44 12.14 -4.62
N LYS A 246 -18.06 12.52 -5.74
CA LYS A 246 -18.68 11.58 -6.69
C LYS A 246 -17.85 10.89 -7.80
N GLY A 247 -16.85 11.54 -8.41
CA GLY A 247 -16.13 12.71 -7.94
C GLY A 247 -14.71 12.16 -7.80
N ARG A 248 -14.25 12.04 -6.57
CA ARG A 248 -13.05 11.27 -6.26
C ARG A 248 -13.18 9.79 -6.69
N GLU A 249 -14.42 9.27 -6.65
CA GLU A 249 -14.71 7.88 -7.05
C GLU A 249 -14.71 7.63 -8.56
N ALA A 250 -15.30 8.54 -9.32
CA ALA A 250 -15.40 8.44 -10.77
C ALA A 250 -14.01 8.49 -11.41
N GLU A 251 -13.15 9.37 -10.89
CA GLU A 251 -11.81 9.54 -11.44
C GLU A 251 -10.91 8.36 -11.14
N SER A 252 -11.04 7.77 -9.95
CA SER A 252 -10.31 6.56 -9.57
C SER A 252 -10.75 5.41 -10.45
N LYS A 253 -12.06 5.30 -10.66
CA LYS A 253 -12.64 4.30 -11.57
C LYS A 253 -11.99 4.33 -12.97
N LYS A 254 -11.84 5.53 -13.55
CA LYS A 254 -11.18 5.69 -14.87
C LYS A 254 -9.77 5.10 -14.92
N LEU A 255 -9.00 5.38 -13.87
CA LEU A 255 -7.64 4.89 -13.71
C LEU A 255 -7.55 3.40 -13.58
N LEU A 256 -8.33 2.81 -12.67
CA LEU A 256 -8.30 1.36 -12.44
C LEU A 256 -8.78 0.58 -13.64
N THR A 257 -9.86 1.03 -14.28
CA THR A 257 -10.37 0.41 -15.51
C THR A 257 -9.34 0.46 -16.66
N TRP A 258 -8.79 1.64 -16.93
CA TRP A 258 -7.68 1.86 -17.87
C TRP A 258 -6.47 0.94 -17.62
N GLY A 259 -6.06 0.85 -16.36
CA GLY A 259 -5.02 -0.09 -15.91
C GLY A 259 -5.27 -1.55 -16.22
N PHE A 260 -6.46 -2.07 -15.87
CA PHE A 260 -6.78 -3.48 -16.20
C PHE A 260 -6.96 -3.72 -17.72
N ARG A 261 -7.36 -2.69 -18.47
CA ARG A 261 -7.57 -2.85 -19.90
C ARG A 261 -6.27 -3.02 -20.71
N PHE A 262 -5.29 -2.16 -20.41
CA PHE A 262 -4.04 -2.12 -21.16
C PHE A 262 -2.82 -2.82 -20.57
N PHE A 263 -2.84 -3.12 -19.27
CA PHE A 263 -1.68 -3.75 -18.64
C PHE A 263 -2.01 -5.07 -17.97
N GLU A 264 -1.05 -5.99 -17.92
CA GLU A 264 -1.15 -7.22 -17.12
C GLU A 264 0.08 -7.51 -16.26
N THR A 265 -0.10 -8.31 -15.21
CA THR A 265 1.00 -8.68 -14.33
C THR A 265 1.42 -10.12 -14.50
N VAL A 266 2.70 -10.29 -14.83
CA VAL A 266 3.30 -11.62 -14.92
C VAL A 266 4.23 -11.86 -13.74
N ASN A 267 4.32 -13.14 -13.36
CA ASN A 267 5.24 -13.64 -12.36
C ASN A 267 6.13 -14.71 -12.98
N PRO A 268 7.21 -14.29 -13.68
CA PRO A 268 8.10 -15.23 -14.38
C PRO A 268 9.00 -16.14 -13.54
N LEU A 269 9.30 -15.75 -12.29
CA LEU A 269 10.23 -16.50 -11.44
C LEU A 269 9.94 -16.34 -9.96
N LYS A 270 9.93 -17.48 -9.25
CA LYS A 270 9.76 -17.51 -7.79
C LYS A 270 11.10 -17.63 -7.03
N VAL A 271 11.11 -17.26 -5.75
CA VAL A 271 12.28 -17.48 -4.86
C VAL A 271 12.65 -18.97 -4.78
N GLY A 272 13.94 -19.27 -4.92
CA GLY A 272 14.46 -20.64 -4.80
C GLY A 272 14.43 -21.50 -6.06
N LYS A 273 13.66 -21.07 -7.06
CA LYS A 273 13.55 -21.80 -8.32
C LYS A 273 14.73 -21.43 -9.23
N GLU A 274 15.39 -22.45 -9.82
CA GLU A 274 16.63 -22.20 -10.59
C GLU A 274 16.39 -21.60 -11.99
N PHE A 275 16.96 -20.43 -12.22
CA PHE A 275 16.87 -19.74 -13.50
C PHE A 275 18.06 -20.10 -14.37
N ALA A 276 19.24 -20.15 -13.76
CA ALA A 276 20.49 -20.40 -14.48
C ALA A 276 21.42 -21.31 -13.69
N SER A 277 22.35 -21.96 -14.38
CA SER A 277 23.42 -22.73 -13.75
C SER A 277 24.81 -22.26 -14.25
N GLU A 278 25.76 -22.12 -13.33
CA GLU A 278 27.13 -21.73 -13.67
C GLU A 278 28.16 -22.58 -12.95
N PRO A 279 29.32 -22.83 -13.58
CA PRO A 279 30.40 -23.56 -12.92
C PRO A 279 31.02 -22.77 -11.77
N VAL A 280 31.39 -23.48 -10.71
CA VAL A 280 32.03 -22.89 -9.52
C VAL A 280 33.40 -23.51 -9.32
N TRP A 281 34.36 -22.69 -8.92
CA TRP A 281 35.69 -23.18 -8.62
C TRP A 281 35.85 -23.29 -7.11
N PHE A 282 36.72 -24.20 -6.67
CA PHE A 282 37.11 -24.34 -5.24
C PHE A 282 35.99 -24.86 -4.32
N GLY A 283 34.82 -25.14 -4.88
CA GLY A 283 33.61 -25.44 -4.09
C GLY A 283 33.35 -26.91 -3.82
N ASP A 284 32.41 -27.16 -2.91
CA ASP A 284 32.03 -28.53 -2.54
C ASP A 284 31.11 -29.19 -3.57
N SER A 285 30.46 -28.37 -4.42
CA SER A 285 29.87 -28.82 -5.68
C SER A 285 30.44 -28.11 -6.94
N ASP A 286 30.25 -28.74 -8.10
CA ASP A 286 30.76 -28.27 -9.39
C ASP A 286 30.05 -27.02 -9.93
N ARG A 287 28.75 -26.93 -9.68
CA ARG A 287 27.90 -25.85 -10.23
C ARG A 287 27.04 -25.12 -9.18
N ALA A 288 26.75 -23.86 -9.47
CA ALA A 288 25.94 -23.00 -8.62
C ALA A 288 24.56 -22.84 -9.24
N SER A 289 23.55 -22.90 -8.38
CA SER A 289 22.18 -22.77 -8.81
C SER A 289 21.82 -21.31 -8.63
N LEU A 290 21.37 -20.69 -9.71
CA LEU A 290 21.20 -19.23 -9.73
C LEU A 290 19.76 -18.83 -9.96
N GLY A 291 19.33 -17.77 -9.26
CA GLY A 291 17.94 -17.31 -9.30
C GLY A 291 17.76 -15.99 -8.59
N VAL A 292 16.68 -15.89 -7.82
CA VAL A 292 16.23 -14.62 -7.21
C VAL A 292 15.93 -14.78 -5.70
N ASP A 293 16.12 -13.72 -4.92
CA ASP A 293 15.82 -13.74 -3.49
C ASP A 293 14.44 -13.13 -3.19
N LYS A 294 13.77 -12.66 -4.25
CA LYS A 294 12.43 -12.04 -4.16
C LYS A 294 11.61 -12.50 -5.37
N ASP A 295 10.35 -12.85 -5.13
CA ASP A 295 9.45 -13.23 -6.22
C ASP A 295 9.47 -12.13 -7.27
N VAL A 296 9.59 -12.51 -8.53
CA VAL A 296 9.67 -11.52 -9.61
C VAL A 296 8.28 -11.26 -10.18
N TYR A 297 7.84 -10.01 -10.09
CA TYR A 297 6.61 -9.59 -10.72
C TYR A 297 6.87 -8.48 -11.71
N LEU A 298 6.29 -8.61 -12.91
CA LEU A 298 6.44 -7.57 -13.96
C LEU A 298 5.08 -7.10 -14.45
N THR A 299 4.95 -5.79 -14.68
CA THR A 299 3.79 -5.26 -15.39
C THR A 299 4.19 -4.91 -16.81
N ILE A 300 3.47 -5.52 -17.75
CA ILE A 300 3.75 -5.43 -19.20
C ILE A 300 2.47 -5.06 -19.95
N PRO A 301 2.56 -4.55 -21.20
CA PRO A 301 1.34 -4.36 -21.99
C PRO A 301 0.52 -5.65 -22.04
N ARG A 302 -0.80 -5.55 -21.84
CA ARG A 302 -1.69 -6.74 -21.89
C ARG A 302 -1.63 -7.44 -23.25
N GLY A 303 -1.53 -8.76 -23.24
CA GLY A 303 -1.38 -9.56 -24.45
C GLY A 303 0.05 -10.05 -24.72
N ARG A 304 1.03 -9.33 -24.18
CA ARG A 304 2.45 -9.50 -24.52
C ARG A 304 3.23 -10.51 -23.68
N MET A 305 2.52 -11.38 -22.97
CA MET A 305 3.14 -12.38 -22.09
C MET A 305 3.99 -13.38 -22.87
N LYS A 306 3.43 -13.89 -23.97
CA LYS A 306 4.11 -14.80 -24.88
C LYS A 306 5.36 -14.22 -25.57
N ASP A 307 5.59 -12.92 -25.41
CA ASP A 307 6.70 -12.23 -26.06
C ASP A 307 7.85 -11.87 -25.09
N LEU A 308 7.66 -12.14 -23.80
CA LEU A 308 8.67 -11.82 -22.80
C LEU A 308 9.86 -12.79 -22.89
N LYS A 309 11.04 -12.23 -23.10
CA LYS A 309 12.29 -13.01 -23.17
C LYS A 309 13.16 -12.69 -21.95
N ALA A 310 13.69 -13.71 -21.30
CA ALA A 310 14.57 -13.50 -20.14
C ALA A 310 15.98 -13.97 -20.44
N SER A 311 16.97 -13.20 -19.97
CA SER A 311 18.39 -13.53 -20.09
C SER A 311 19.18 -12.96 -18.89
N TYR A 312 20.46 -13.28 -18.79
CA TYR A 312 21.23 -12.83 -17.64
C TYR A 312 22.68 -12.44 -17.97
N VAL A 313 23.26 -11.59 -17.13
CA VAL A 313 24.69 -11.28 -17.21
C VAL A 313 25.36 -11.59 -15.87
N LEU A 314 26.68 -11.82 -15.90
CA LEU A 314 27.44 -12.11 -14.68
C LEU A 314 28.43 -11.01 -14.39
N ASN A 315 28.54 -10.68 -13.11
CA ASN A 315 29.38 -9.59 -12.65
C ASN A 315 30.88 -9.88 -12.76
N SER A 316 31.24 -11.15 -12.56
CA SER A 316 32.62 -11.60 -12.64
C SER A 316 32.77 -12.71 -13.67
N SER A 317 33.98 -12.84 -14.24
CA SER A 317 34.31 -13.91 -15.16
C SER A 317 34.09 -15.30 -14.57
N GLU A 318 34.59 -15.51 -13.33
CA GLU A 318 34.46 -16.80 -12.63
C GLU A 318 33.72 -16.70 -11.29
N LEU A 319 33.14 -17.82 -10.87
CA LEU A 319 32.53 -17.96 -9.54
C LEU A 319 33.46 -18.75 -8.64
N HIS A 320 33.94 -18.13 -7.57
CA HIS A 320 34.81 -18.82 -6.60
C HIS A 320 34.17 -18.98 -5.23
N ALA A 321 34.10 -20.22 -4.79
CA ALA A 321 33.64 -20.55 -3.45
C ALA A 321 34.60 -19.94 -2.41
N PRO A 322 34.10 -19.62 -1.21
CA PRO A 322 32.73 -19.82 -0.73
C PRO A 322 31.69 -18.88 -1.34
N LEU A 323 30.54 -19.44 -1.68
CA LEU A 323 29.42 -18.62 -2.10
C LEU A 323 28.32 -18.71 -1.05
N GLN A 324 27.89 -17.55 -0.56
CA GLN A 324 26.82 -17.46 0.44
C GLN A 324 25.44 -17.44 -0.20
N LYS A 325 24.45 -17.93 0.54
CA LYS A 325 23.06 -17.90 0.09
C LYS A 325 22.72 -16.46 -0.24
N ASN A 326 21.90 -16.29 -1.28
CA ASN A 326 21.51 -14.96 -1.80
C ASN A 326 22.67 -14.00 -2.13
N GLN A 327 23.87 -14.55 -2.33
CA GLN A 327 24.99 -13.75 -2.82
C GLN A 327 24.63 -13.27 -4.23
N VAL A 328 24.74 -11.97 -4.48
CA VAL A 328 24.49 -11.39 -5.81
C VAL A 328 25.69 -11.60 -6.72
N VAL A 329 25.41 -12.11 -7.91
CA VAL A 329 26.45 -12.53 -8.85
C VAL A 329 26.17 -12.09 -10.29
N GLY A 330 25.11 -11.32 -10.50
CA GLY A 330 24.70 -10.95 -11.85
C GLY A 330 23.40 -10.20 -11.88
N THR A 331 22.77 -10.18 -13.07
CA THR A 331 21.50 -9.48 -13.29
C THR A 331 20.69 -10.23 -14.33
N ILE A 332 19.41 -10.44 -14.03
CA ILE A 332 18.47 -10.99 -15.00
C ILE A 332 17.83 -9.82 -15.77
N ASN A 333 17.85 -9.93 -17.10
CA ASN A 333 17.25 -8.95 -18.00
C ASN A 333 16.00 -9.55 -18.56
N PHE A 334 14.87 -8.89 -18.33
CA PHE A 334 13.62 -9.26 -19.00
C PHE A 334 13.43 -8.36 -20.20
N GLN A 335 13.09 -8.94 -21.33
CA GLN A 335 12.99 -8.18 -22.57
C GLN A 335 11.66 -8.34 -23.31
N LEU A 336 11.25 -7.25 -23.95
CA LEU A 336 10.15 -7.22 -24.89
C LEU A 336 10.64 -6.46 -26.11
N ASP A 337 10.41 -7.02 -27.31
CA ASP A 337 10.72 -6.37 -28.60
C ASP A 337 12.22 -6.09 -28.83
N GLY A 338 13.07 -6.86 -28.18
CA GLY A 338 14.52 -6.70 -28.28
C GLY A 338 15.12 -5.83 -27.19
N LYS A 339 14.27 -5.25 -26.36
CA LYS A 339 14.70 -4.23 -25.37
C LYS A 339 14.49 -4.69 -23.93
N THR A 340 15.47 -4.42 -23.07
CA THR A 340 15.33 -4.69 -21.65
C THR A 340 14.30 -3.76 -21.01
N ILE A 341 13.20 -4.34 -20.52
CA ILE A 341 12.15 -3.60 -19.81
C ILE A 341 12.29 -3.66 -18.27
N GLU A 342 12.90 -4.73 -17.75
CA GLU A 342 13.10 -4.92 -16.30
C GLU A 342 14.37 -5.71 -16.01
N GLN A 343 15.00 -5.41 -14.88
CA GLN A 343 16.13 -6.16 -14.40
C GLN A 343 15.92 -6.59 -12.95
N ARG A 344 16.49 -7.73 -12.53
CA ARG A 344 16.51 -8.16 -11.12
C ARG A 344 17.82 -8.83 -10.77
N PRO A 345 18.28 -8.69 -9.50
CA PRO A 345 19.53 -9.39 -9.12
C PRO A 345 19.53 -10.91 -9.34
N LEU A 346 20.63 -11.40 -9.90
CA LEU A 346 20.90 -12.83 -10.01
C LEU A 346 21.69 -13.24 -8.77
N VAL A 347 21.16 -14.22 -8.03
CA VAL A 347 21.70 -14.65 -6.72
C VAL A 347 21.98 -16.15 -6.66
N VAL A 348 22.90 -16.53 -5.78
CA VAL A 348 23.19 -17.92 -5.49
C VAL A 348 22.07 -18.45 -4.58
N LEU A 349 21.32 -19.43 -5.04
CA LEU A 349 20.17 -19.96 -4.29
C LEU A 349 20.55 -20.78 -3.03
N GLN A 350 21.71 -21.42 -3.09
CA GLN A 350 22.18 -22.36 -2.06
C GLN A 350 23.65 -22.12 -1.84
N GLU A 351 24.04 -21.97 -0.57
CA GLU A 351 25.41 -21.62 -0.25
C GLU A 351 26.38 -22.70 -0.75
N ILE A 352 27.50 -22.29 -1.32
CA ILE A 352 28.52 -23.24 -1.79
C ILE A 352 29.72 -23.01 -0.90
N PRO A 353 29.91 -23.91 0.08
CA PRO A 353 31.11 -23.81 0.89
C PRO A 353 32.32 -24.28 0.08
N GLU A 354 33.49 -23.77 0.45
CA GLU A 354 34.77 -24.24 -0.08
C GLU A 354 34.91 -25.74 0.12
N GLY A 355 35.54 -26.40 -0.85
CA GLY A 355 35.68 -27.87 -0.88
C GLY A 355 35.76 -28.57 0.48
C4 1QL B . -13.45 17.75 7.78
C2 1QL B . -11.62 16.08 7.20
N2 1QL B . -13.66 12.09 6.10
C6 1QL B . -15.59 17.97 8.50
O6 1QL B . -14.49 12.69 2.90
C5 1QL B . -14.75 17.61 7.50
C8 1QL B . -13.52 12.74 7.44
C15 1QL B . -14.51 11.81 3.80
O5 1QL B . -14.63 10.59 3.58
C13 1QL B . -14.71 12.24 5.27
C10 1QL B . -15.97 12.70 5.64
C11 1QL B . -17.07 12.77 4.57
C9 1QL B . -16.41 13.14 7.04
S1 1QL B . -15.00 13.59 8.13
C14 1QL B . -11.20 13.02 6.54
O4 1QL B . -10.94 13.49 5.43
C1 1QL B . -12.23 13.65 7.52
O 1QL B . -11.86 13.57 8.96
C 1QL B . -10.51 13.96 9.37
N 1QL B . -12.52 15.07 7.22
O1 1QL B . -10.41 16.01 7.39
C3 1QL B . -12.24 17.46 6.88
S 1QL B . -13.33 18.37 9.37
C7 1QL B . -15.00 18.43 9.63
C1 GOL C . 9.03 11.43 8.95
O1 GOL C . 8.51 12.57 9.59
C2 GOL C . 10.08 11.89 7.95
O2 GOL C . 11.39 11.79 8.52
C3 GOL C . 9.73 13.31 7.58
O3 GOL C . 10.90 14.04 7.32
C1 GOL D . -9.81 -8.89 11.95
O1 GOL D . -10.97 -8.70 11.18
C2 GOL D . -9.32 -7.56 12.51
O2 GOL D . -7.90 -7.51 12.54
C3 GOL D . -9.86 -7.32 13.91
O3 GOL D . -11.27 -7.14 13.93
C1 GOL E . 9.79 9.70 -7.05
O1 GOL E . 10.56 10.69 -7.71
C2 GOL E . 10.56 9.03 -5.92
O2 GOL E . 10.81 7.69 -6.30
C3 GOL E . 9.72 8.97 -4.64
O3 GOL E . 9.19 10.23 -4.26
C1 GOL F . 5.65 -7.81 -2.09
O1 GOL F . 4.86 -8.72 -1.37
C2 GOL F . 4.81 -6.57 -2.40
O2 GOL F . 3.69 -6.95 -3.16
C3 GOL F . 5.62 -5.50 -3.13
O3 GOL F . 6.57 -4.90 -2.26
#